data_6UL8
#
_entry.id   6UL8
#
_cell.length_a   125.677
_cell.length_b   125.677
_cell.length_c   105.760
_cell.angle_alpha   90.000
_cell.angle_beta   90.000
_cell.angle_gamma   120.000
#
_symmetry.space_group_name_H-M   'P 32 2 1'
#
loop_
_entity.id
_entity.type
_entity.pdbx_description
1 polymer 'Receptor-interacting serine/threonine-protein kinase 2'
2 non-polymer (5S,6S,8R)-2-(1,3-benzothiazol-5-yl)-6-hydroxy-4,5,6,7,8,9-hexahydro-5,8-methanopyrazolo[1,5-a][1,3]diazocine-3-carboxamide
3 non-polymer 'CALCIUM ION'
4 water water
#
_entity_poly.entity_id   1
_entity_poly.type   'polypeptide(L)'
_entity_poly.pdbx_seq_one_letter_code
;AISSALPTIPYHKLADLRYLSRGASGTVSSARHADWRVQVAVKHLHIHTPLLDSERKDVLREAEILHKARFSYILPILGI
CNEPEFLGIVTEYMPNGSLNELLHRKTEYPDVAWPLRFRILHEIALGVNYLHNMTPPLLHHDLKTQNILLDNEFHVKIAD
FGLCKWRMMSLSQSRSSKSAPEGGTIIYMPPENYEPGQKSRASIKHDIYSYAVITWEVLSRKQPFEDVTNPLQIMYSVSQ
GHRPVINEESLPYDIPHRARMISLIESGWAQNPDERPSFLKCLIELEPVLRTFEEITFLEAVIQLK
;
_entity_poly.pdbx_strand_id   A,B
#
loop_
_chem_comp.id
_chem_comp.type
_chem_comp.name
_chem_comp.formula
CA non-polymer 'CALCIUM ION' 'Ca 2'
Q9J non-polymer (5S,6S,8R)-2-(1,3-benzothiazol-5-yl)-6-hydroxy-4,5,6,7,8,9-hexahydro-5,8-methanopyrazolo[1,5-a][1,3]diazocine-3-carboxamide 'C17 H17 N5 O2 S'
#
# COMPACT_ATOMS: atom_id res chain seq x y z
N ALA A 1 -15.70 -6.81 -18.58
CA ALA A 1 -15.46 -7.34 -17.19
C ALA A 1 -13.99 -7.67 -17.02
N ILE A 2 -13.25 -6.80 -16.33
CA ILE A 2 -11.82 -6.97 -16.19
C ILE A 2 -11.56 -7.79 -14.94
N SER A 3 -10.96 -8.98 -15.11
CA SER A 3 -10.66 -9.89 -14.00
C SER A 3 -9.17 -10.20 -13.87
N SER A 4 -8.78 -10.62 -12.66
CA SER A 4 -7.42 -11.05 -12.34
C SER A 4 -7.51 -12.22 -11.36
N ALA A 5 -6.63 -13.20 -11.56
CA ALA A 5 -6.58 -14.41 -10.75
C ALA A 5 -5.53 -14.26 -9.68
N LEU A 6 -5.88 -14.67 -8.46
CA LEU A 6 -4.96 -14.65 -7.34
C LEU A 6 -3.81 -15.61 -7.64
N PRO A 7 -2.54 -15.13 -7.68
CA PRO A 7 -1.45 -16.03 -8.03
C PRO A 7 -1.32 -17.22 -7.07
N THR A 8 -0.85 -18.36 -7.60
CA THR A 8 -0.52 -19.50 -6.77
C THR A 8 0.97 -19.43 -6.58
N ILE A 9 1.40 -19.69 -5.35
CA ILE A 9 2.79 -19.62 -4.96
C ILE A 9 3.20 -21.01 -4.47
N PRO A 10 4.20 -21.63 -5.14
CA PRO A 10 4.77 -22.89 -4.62
C PRO A 10 5.37 -22.76 -3.22
N TYR A 11 5.10 -23.75 -2.35
CA TYR A 11 5.64 -23.79 -0.98
C TYR A 11 7.16 -23.56 -0.93
N HIS A 12 7.88 -24.19 -1.85
CA HIS A 12 9.36 -24.09 -1.87
C HIS A 12 9.90 -22.67 -2.13
N LYS A 13 9.07 -21.77 -2.67
CA LYS A 13 9.40 -20.34 -2.78
C LYS A 13 9.30 -19.57 -1.46
N LEU A 14 8.68 -20.16 -0.44
CA LEU A 14 8.49 -19.51 0.87
C LEU A 14 9.56 -19.87 1.91
N ALA A 15 10.72 -19.22 1.81
CA ALA A 15 11.87 -19.54 2.64
C ALA A 15 11.76 -18.97 4.07
N ASP A 16 12.48 -19.60 5.00
CA ASP A 16 12.57 -19.19 6.42
C ASP A 16 11.20 -19.10 7.06
N LEU A 17 10.35 -20.08 6.75
CA LEU A 17 9.00 -20.10 7.26
C LEU A 17 9.06 -20.27 8.77
N ARG A 18 9.01 -19.16 9.50
CA ARG A 18 9.12 -19.12 10.96
C ARG A 18 7.81 -18.62 11.62
N TYR A 19 7.36 -19.39 12.59
CA TYR A 19 6.13 -19.15 13.35
C TYR A 19 6.06 -17.75 13.98
N LEU A 20 4.92 -17.06 13.84
CA LEU A 20 4.68 -15.76 14.47
C LEU A 20 3.67 -15.90 15.59
N SER A 21 2.46 -16.36 15.26
CA SER A 21 1.39 -16.56 16.25
C SER A 21 0.36 -17.63 15.83
N ARG A 22 -0.05 -18.46 16.80
CA ARG A 22 -1.19 -19.37 16.64
C ARG A 22 -2.43 -18.62 17.10
N GLY A 23 -3.60 -19.08 16.65
CA GLY A 23 -4.88 -18.51 17.08
C GLY A 23 -6.04 -19.45 16.82
N ALA A 24 -7.24 -18.88 16.93
CA ALA A 24 -8.50 -19.58 16.65
C ALA A 24 -8.69 -19.74 15.14
N SER A 25 -8.49 -18.63 14.42
CA SER A 25 -8.53 -18.58 12.95
C SER A 25 -7.51 -19.53 12.26
N GLY A 26 -6.30 -19.60 12.83
CA GLY A 26 -5.22 -20.47 12.34
C GLY A 26 -3.86 -19.96 12.78
N THR A 27 -2.80 -20.54 12.22
CA THR A 27 -1.43 -20.16 12.58
C THR A 27 -0.88 -19.20 11.52
N VAL A 28 -0.16 -18.19 11.98
CA VAL A 28 0.42 -17.18 11.11
C VAL A 28 1.93 -17.21 11.24
N SER A 29 2.62 -17.28 10.09
CA SER A 29 4.07 -17.38 10.07
C SER A 29 4.65 -16.31 9.16
N SER A 30 5.92 -15.98 9.40
CA SER A 30 6.66 -15.09 8.52
C SER A 30 7.56 -15.90 7.60
N ALA A 31 7.72 -15.42 6.38
CA ALA A 31 8.57 -16.08 5.41
C ALA A 31 9.23 -15.01 4.57
N ARG A 32 10.00 -15.41 3.57
CA ARG A 32 10.45 -14.48 2.56
C ARG A 32 10.36 -15.16 1.22
N HIS A 33 9.87 -14.43 0.21
CA HIS A 33 9.69 -15.00 -1.10
C HIS A 33 11.05 -15.02 -1.80
N ALA A 34 11.45 -16.19 -2.27
CA ALA A 34 12.76 -16.36 -2.91
C ALA A 34 12.94 -15.58 -4.20
N ASP A 35 11.91 -15.54 -5.05
CA ASP A 35 11.94 -14.74 -6.26
C ASP A 35 11.72 -13.24 -6.01
N TRP A 36 10.80 -12.89 -5.12
CA TRP A 36 10.37 -11.49 -4.99
C TRP A 36 11.20 -10.69 -4.04
N ARG A 37 11.90 -11.39 -3.15
CA ARG A 37 12.90 -10.79 -2.25
C ARG A 37 12.29 -9.82 -1.26
N VAL A 38 11.12 -10.20 -0.74
CA VAL A 38 10.40 -9.43 0.28
C VAL A 38 9.88 -10.37 1.33
N GLN A 39 9.75 -9.86 2.54
CA GLN A 39 9.24 -10.61 3.67
C GLN A 39 7.73 -10.66 3.47
N VAL A 40 7.11 -11.78 3.84
CA VAL A 40 5.65 -11.98 3.72
C VAL A 40 5.16 -12.61 4.99
N ALA A 41 3.84 -12.69 5.11
CA ALA A 41 3.18 -13.45 6.15
C ALA A 41 2.40 -14.52 5.46
N VAL A 42 2.30 -15.68 6.10
CA VAL A 42 1.45 -16.75 5.63
C VAL A 42 0.55 -17.11 6.78
N LYS A 43 -0.76 -17.15 6.54
CA LYS A 43 -1.73 -17.75 7.47
C LYS A 43 -2.05 -19.17 6.99
N HIS A 44 -1.81 -20.15 7.84
CA HIS A 44 -1.93 -21.55 7.46
C HIS A 44 -2.51 -22.37 8.62
N LEU A 45 -2.60 -23.69 8.45
CA LEU A 45 -3.20 -24.57 9.45
C LEU A 45 -2.15 -25.39 10.19
N HIS A 46 -2.50 -25.78 11.42
CA HIS A 46 -1.59 -26.47 12.32
C HIS A 46 -1.28 -27.91 11.86
N ILE A 47 -0.03 -28.14 11.40
CA ILE A 47 0.44 -29.44 10.89
C ILE A 47 0.86 -30.38 12.03
N LEU A 51 -5.07 -32.23 7.49
CA LEU A 51 -5.39 -31.80 6.12
C LEU A 51 -6.88 -31.99 5.76
N LEU A 52 -7.78 -31.35 6.52
CA LEU A 52 -9.25 -31.61 6.42
C LEU A 52 -9.97 -30.95 5.22
N ASP A 53 -11.23 -31.34 5.01
CA ASP A 53 -11.99 -30.97 3.80
C ASP A 53 -12.59 -29.57 3.89
N SER A 54 -13.49 -29.36 4.86
CA SER A 54 -14.13 -28.06 5.05
C SER A 54 -13.21 -27.05 5.77
N GLU A 55 -12.07 -27.51 6.28
CA GLU A 55 -10.97 -26.63 6.67
C GLU A 55 -10.39 -25.95 5.42
N ARG A 56 -10.11 -26.75 4.39
CA ARG A 56 -9.64 -26.25 3.07
C ARG A 56 -10.64 -25.27 2.41
N LYS A 57 -11.92 -25.57 2.52
CA LYS A 57 -12.99 -24.68 2.05
C LYS A 57 -12.92 -23.30 2.70
N ASP A 58 -12.69 -23.25 4.02
CA ASP A 58 -12.65 -21.99 4.80
C ASP A 58 -11.52 -21.07 4.39
N VAL A 59 -10.36 -21.65 4.15
CA VAL A 59 -9.16 -20.89 3.77
C VAL A 59 -9.35 -20.33 2.35
N LEU A 60 -9.74 -21.19 1.40
CA LEU A 60 -10.09 -20.75 0.06
C LEU A 60 -11.14 -19.63 0.01
N ARG A 61 -12.10 -19.68 0.94
CA ARG A 61 -13.13 -18.64 1.06
C ARG A 61 -12.52 -17.32 1.50
N GLU A 62 -11.75 -17.33 2.58
CA GLU A 62 -11.05 -16.15 3.09
C GLU A 62 -10.09 -15.50 2.07
N ALA A 63 -9.40 -16.33 1.30
CA ALA A 63 -8.50 -15.87 0.26
C ALA A 63 -9.26 -15.27 -0.89
N GLU A 64 -10.39 -15.87 -1.27
CA GLU A 64 -11.24 -15.26 -2.28
C GLU A 64 -11.72 -13.87 -1.85
N ILE A 65 -12.10 -13.76 -0.58
CA ILE A 65 -12.61 -12.51 -0.05
C ILE A 65 -11.57 -11.40 -0.04
N LEU A 66 -10.40 -11.68 0.54
CA LEU A 66 -9.28 -10.74 0.57
C LEU A 66 -8.93 -10.23 -0.82
N HIS A 67 -8.95 -11.14 -1.77
CA HIS A 67 -8.66 -10.81 -3.15
C HIS A 67 -9.70 -9.87 -3.71
N LYS A 68 -10.97 -10.15 -3.43
CA LYS A 68 -12.07 -9.28 -3.90
C LYS A 68 -12.19 -7.99 -3.14
N ALA A 69 -11.81 -8.00 -1.86
CA ALA A 69 -11.94 -6.86 -0.99
C ALA A 69 -10.73 -5.96 -1.02
N ARG A 70 -9.77 -6.18 -1.91
CA ARG A 70 -8.55 -5.36 -1.96
C ARG A 70 -8.81 -3.87 -1.82
N PHE A 71 -8.07 -3.23 -0.94
CA PHE A 71 -8.25 -1.83 -0.67
C PHE A 71 -7.12 -1.29 0.20
N SER A 72 -6.94 0.01 0.16
CA SER A 72 -5.91 0.68 0.89
C SER A 72 -5.83 0.27 2.37
N TYR A 73 -6.98 -0.06 3.00
CA TYR A 73 -7.00 -0.35 4.46
C TYR A 73 -7.39 -1.78 4.76
N ILE A 74 -7.16 -2.64 3.77
CA ILE A 74 -7.44 -4.04 3.87
C ILE A 74 -6.16 -4.77 3.55
N LEU A 75 -5.88 -5.79 4.35
CA LEU A 75 -4.65 -6.57 4.24
C LEU A 75 -4.48 -7.09 2.81
N PRO A 76 -3.38 -6.72 2.12
CA PRO A 76 -3.28 -7.16 0.74
C PRO A 76 -2.83 -8.58 0.67
N ILE A 77 -3.68 -9.41 0.13
CA ILE A 77 -3.30 -10.77 -0.23
C ILE A 77 -2.33 -10.72 -1.42
N LEU A 78 -1.25 -11.47 -1.34
CA LEU A 78 -0.30 -11.59 -2.44
C LEU A 78 -0.51 -12.88 -3.24
N GLY A 79 -0.97 -13.93 -2.59
CA GLY A 79 -1.31 -15.15 -3.29
C GLY A 79 -1.72 -16.23 -2.33
N ILE A 80 -1.92 -17.41 -2.88
CA ILE A 80 -2.26 -18.59 -2.10
C ILE A 80 -1.23 -19.69 -2.37
N CYS A 81 -0.82 -20.34 -1.29
CA CYS A 81 -0.09 -21.57 -1.36
C CYS A 81 -1.11 -22.69 -1.30
N ASN A 82 -1.22 -23.49 -2.37
CA ASN A 82 -2.22 -24.56 -2.45
C ASN A 82 -1.57 -25.87 -2.92
N GLU A 83 -1.24 -26.71 -1.94
CA GLU A 83 -0.51 -27.95 -2.21
C GLU A 83 -0.98 -29.09 -1.34
N PRO A 84 -0.60 -30.33 -1.70
CA PRO A 84 -0.98 -31.52 -0.92
C PRO A 84 -0.65 -31.43 0.58
N GLU A 85 0.60 -31.12 0.89
CA GLU A 85 1.10 -31.07 2.26
C GLU A 85 0.80 -29.77 3.00
N PHE A 86 0.56 -28.67 2.27
CA PHE A 86 0.49 -27.31 2.84
C PHE A 86 -0.56 -26.43 2.18
N LEU A 87 -1.32 -25.71 2.99
CA LEU A 87 -2.28 -24.73 2.50
C LEU A 87 -2.21 -23.46 3.31
N GLY A 88 -1.99 -22.33 2.63
CA GLY A 88 -1.89 -21.03 3.28
C GLY A 88 -2.10 -19.78 2.43
N ILE A 89 -2.60 -18.75 3.08
CA ILE A 89 -2.84 -17.45 2.46
C ILE A 89 -1.58 -16.65 2.67
N VAL A 90 -1.01 -16.14 1.58
CA VAL A 90 0.17 -15.30 1.65
C VAL A 90 -0.20 -13.83 1.47
N THR A 91 0.22 -13.00 2.42
CA THR A 91 -0.09 -11.57 2.41
C THR A 91 1.15 -10.76 2.70
N GLU A 92 1.03 -9.44 2.64
CA GLU A 92 2.11 -8.60 3.07
C GLU A 92 2.30 -8.81 4.56
N TYR A 93 3.57 -8.83 4.95
CA TYR A 93 3.95 -8.86 6.35
C TYR A 93 3.67 -7.49 6.97
N MET A 94 3.00 -7.50 8.13
CA MET A 94 2.73 -6.31 8.89
C MET A 94 3.72 -6.26 10.04
N PRO A 95 4.78 -5.46 9.90
CA PRO A 95 5.83 -5.56 10.92
C PRO A 95 5.48 -4.92 12.25
N ASN A 96 4.54 -3.98 12.29
CA ASN A 96 4.23 -3.25 13.53
C ASN A 96 3.09 -3.86 14.38
N GLY A 97 2.87 -5.16 14.27
CA GLY A 97 1.89 -5.84 15.11
C GLY A 97 0.43 -5.46 14.90
N SER A 98 -0.35 -5.65 15.95
CA SER A 98 -1.77 -5.31 15.95
C SER A 98 -2.02 -4.09 16.81
N LEU A 99 -3.22 -3.52 16.70
CA LEU A 99 -3.60 -2.33 17.46
C LEU A 99 -3.69 -2.61 18.96
N ASN A 100 -4.07 -3.83 19.29
CA ASN A 100 -4.12 -4.33 20.65
C ASN A 100 -2.79 -4.07 21.35
N GLU A 101 -1.72 -4.53 20.71
CA GLU A 101 -0.38 -4.46 21.28
C GLU A 101 0.03 -2.98 21.43
N LEU A 102 -0.30 -2.17 20.43
CA LEU A 102 -0.01 -0.74 20.49
C LEU A 102 -0.66 -0.03 21.69
N LEU A 103 -1.88 -0.43 22.04
CA LEU A 103 -2.67 0.25 23.06
C LEU A 103 -2.31 -0.20 24.44
N HIS A 104 -1.99 -1.48 24.58
CA HIS A 104 -1.87 -2.10 25.90
C HIS A 104 -0.46 -2.39 26.37
N ARG A 105 0.49 -2.56 25.44
CA ARG A 105 1.89 -2.62 25.81
C ARG A 105 2.39 -1.19 26.10
N LYS A 106 2.08 -0.70 27.31
CA LYS A 106 2.37 0.67 27.73
C LYS A 106 3.81 0.95 28.18
N THR A 107 4.54 -0.12 28.49
CA THR A 107 5.96 0.01 28.76
C THR A 107 6.68 0.15 27.42
N GLU A 108 6.31 -0.68 26.45
CA GLU A 108 6.87 -0.61 25.11
C GLU A 108 6.44 0.67 24.38
N TYR A 109 5.18 1.08 24.57
CA TYR A 109 4.65 2.27 23.92
C TYR A 109 3.99 3.21 24.93
N PRO A 110 4.80 3.97 25.67
CA PRO A 110 4.20 4.87 26.68
C PRO A 110 3.48 6.08 26.10
N ASP A 111 3.87 6.52 24.91
CA ASP A 111 3.21 7.64 24.22
C ASP A 111 2.77 7.22 22.85
N VAL A 112 1.46 7.15 22.66
CA VAL A 112 0.87 7.09 21.34
C VAL A 112 0.20 8.44 21.18
N ALA A 113 0.86 9.33 20.45
CA ALA A 113 0.36 10.70 20.30
C ALA A 113 -1.03 10.69 19.66
N TRP A 114 -1.86 11.66 20.04
CA TRP A 114 -3.25 11.72 19.57
C TRP A 114 -3.45 11.63 18.05
N PRO A 115 -2.65 12.34 17.27
CA PRO A 115 -2.90 12.33 15.83
C PRO A 115 -2.89 10.97 15.23
N LEU A 116 -1.98 10.11 15.69
CA LEU A 116 -1.92 8.75 15.17
C LEU A 116 -3.18 7.94 15.51
N ARG A 117 -3.67 8.08 16.75
CA ARG A 117 -4.84 7.35 17.21
C ARG A 117 -6.05 7.66 16.37
N PHE A 118 -6.29 8.94 16.12
CA PHE A 118 -7.34 9.42 15.23
C PHE A 118 -7.19 8.90 13.79
N ARG A 119 -5.97 8.90 13.27
CA ARG A 119 -5.74 8.36 11.94
C ARG A 119 -6.10 6.89 11.89
N ILE A 120 -5.79 6.18 12.97
CA ILE A 120 -6.07 4.76 13.04
C ILE A 120 -7.56 4.55 12.99
N LEU A 121 -8.29 5.37 13.74
CA LEU A 121 -9.75 5.28 13.79
C LEU A 121 -10.33 5.68 12.45
N HIS A 122 -9.75 6.66 11.80
CA HIS A 122 -10.25 7.06 10.52
C HIS A 122 -10.11 5.91 9.53
N GLU A 123 -8.95 5.24 9.54
CA GLU A 123 -8.61 4.24 8.53
C GLU A 123 -9.35 2.93 8.73
N ILE A 124 -9.61 2.55 9.99
CA ILE A 124 -10.49 1.42 10.27
C ILE A 124 -11.85 1.69 9.63
N ALA A 125 -12.37 2.89 9.88
CA ALA A 125 -13.67 3.29 9.38
C ALA A 125 -13.70 3.20 7.86
N LEU A 126 -12.71 3.79 7.20
CA LEU A 126 -12.59 3.72 5.74
C LEU A 126 -12.49 2.29 5.20
N GLY A 127 -11.80 1.41 5.93
CA GLY A 127 -11.72 0.01 5.58
C GLY A 127 -13.05 -0.71 5.69
N VAL A 128 -13.76 -0.50 6.78
CA VAL A 128 -15.05 -1.22 7.00
C VAL A 128 -16.09 -0.70 6.04
N ASN A 129 -16.15 0.62 5.94
CA ASN A 129 -16.99 1.29 4.97
C ASN A 129 -16.83 0.75 3.55
N TYR A 130 -15.59 0.48 3.15
CA TYR A 130 -15.36 -0.06 1.81
C TYR A 130 -16.10 -1.39 1.70
N LEU A 131 -15.86 -2.27 2.66
CA LEU A 131 -16.50 -3.58 2.69
C LEU A 131 -18.04 -3.51 2.64
N HIS A 132 -18.63 -2.57 3.41
CA HIS A 132 -20.08 -2.35 3.41
C HIS A 132 -20.60 -1.84 2.05
N ASN A 133 -19.72 -1.18 1.27
CA ASN A 133 -20.02 -0.65 -0.07
C ASN A 133 -19.72 -1.56 -1.26
N MET A 134 -19.25 -2.77 -0.98
CA MET A 134 -19.15 -3.80 -2.01
C MET A 134 -20.55 -4.30 -2.34
N THR A 135 -20.67 -4.90 -3.52
CA THR A 135 -21.91 -5.54 -3.93
C THR A 135 -21.58 -7.03 -4.02
N PRO A 136 -22.21 -7.89 -3.21
CA PRO A 136 -23.06 -7.51 -2.07
C PRO A 136 -22.19 -6.98 -0.91
N PRO A 137 -22.81 -6.27 0.05
CA PRO A 137 -22.00 -5.73 1.15
C PRO A 137 -21.38 -6.86 1.95
N LEU A 138 -20.11 -6.67 2.29
CA LEU A 138 -19.40 -7.62 3.10
C LEU A 138 -19.38 -7.08 4.52
N LEU A 139 -19.80 -7.91 5.46
CA LEU A 139 -19.87 -7.52 6.85
C LEU A 139 -18.79 -8.26 7.59
N HIS A 140 -17.92 -7.54 8.31
CA HIS A 140 -16.77 -8.15 8.91
C HIS A 140 -17.14 -9.09 10.06
N HIS A 141 -17.90 -8.54 11.00
CA HIS A 141 -18.44 -9.27 12.16
C HIS A 141 -17.46 -9.87 13.14
N ASP A 142 -16.19 -9.50 13.04
CA ASP A 142 -15.16 -9.90 14.01
C ASP A 142 -14.12 -8.77 14.16
N LEU A 143 -14.61 -7.53 14.17
CA LEU A 143 -13.73 -6.42 14.39
C LEU A 143 -13.39 -6.38 15.85
N LYS A 144 -12.09 -6.33 16.08
CA LYS A 144 -11.53 -6.18 17.39
C LYS A 144 -10.12 -5.65 17.16
N THR A 145 -9.54 -5.05 18.20
CA THR A 145 -8.24 -4.43 18.10
C THR A 145 -7.15 -5.45 17.68
N GLN A 146 -7.35 -6.73 18.00
CA GLN A 146 -6.43 -7.78 17.51
C GLN A 146 -6.38 -7.94 15.99
N ASN A 147 -7.46 -7.57 15.30
CA ASN A 147 -7.59 -7.74 13.85
C ASN A 147 -7.27 -6.49 13.03
N ILE A 148 -6.84 -5.44 13.72
CA ILE A 148 -6.45 -4.21 13.11
C ILE A 148 -4.94 -4.23 13.13
N LEU A 149 -4.34 -4.61 12.02
CA LEU A 149 -2.90 -4.75 11.96
C LEU A 149 -2.29 -3.42 11.54
N LEU A 150 -1.00 -3.25 11.80
CA LEU A 150 -0.34 -1.98 11.53
C LEU A 150 0.88 -2.19 10.65
N ASP A 151 0.92 -1.52 9.49
CA ASP A 151 2.03 -1.68 8.53
C ASP A 151 3.32 -0.98 8.99
N ASN A 152 4.35 -0.96 8.14
CA ASN A 152 5.65 -0.37 8.56
CA ASN A 152 5.64 -0.36 8.50
C ASN A 152 5.52 1.13 8.86
N GLU A 153 4.48 1.78 8.34
CA GLU A 153 4.26 3.19 8.59
C GLU A 153 3.14 3.45 9.59
N PHE A 154 2.75 2.42 10.34
CA PHE A 154 1.59 2.44 11.27
C PHE A 154 0.23 2.78 10.64
N HIS A 155 0.08 2.46 9.36
CA HIS A 155 -1.22 2.51 8.71
C HIS A 155 -1.96 1.19 8.93
N VAL A 156 -3.28 1.28 8.90
CA VAL A 156 -4.19 0.21 9.27
C VAL A 156 -4.41 -0.70 8.08
N LYS A 157 -4.26 -2.01 8.34
CA LYS A 157 -4.77 -3.04 7.47
C LYS A 157 -5.66 -3.90 8.31
N ILE A 158 -6.90 -4.07 7.85
CA ILE A 158 -7.91 -4.87 8.54
C ILE A 158 -7.69 -6.30 8.10
N ALA A 159 -7.81 -7.23 9.04
CA ALA A 159 -7.49 -8.64 8.80
C ALA A 159 -8.53 -9.52 9.46
N ASP A 160 -8.36 -10.84 9.26
CA ASP A 160 -9.21 -11.90 9.85
C ASP A 160 -10.64 -11.83 9.32
N PHE A 161 -10.84 -12.45 8.16
CA PHE A 161 -12.16 -12.54 7.50
C PHE A 161 -12.76 -13.98 7.60
N GLY A 162 -12.57 -14.62 8.76
CA GLY A 162 -13.07 -15.97 9.01
C GLY A 162 -14.56 -15.99 9.34
N LEU A 163 -15.04 -14.95 10.05
CA LEU A 163 -16.44 -14.83 10.44
C LEU A 163 -17.21 -13.78 9.63
N CYS A 164 -16.74 -13.48 8.42
CA CYS A 164 -17.40 -12.44 7.63
C CYS A 164 -18.47 -13.04 6.70
N LYS A 165 -19.49 -12.24 6.42
CA LYS A 165 -20.70 -12.68 5.69
C LYS A 165 -20.99 -11.69 4.55
N TRP A 166 -21.11 -12.20 3.32
CA TRP A 166 -21.57 -11.40 2.16
C TRP A 166 -22.98 -10.78 2.34
N GLY A 184 -13.45 -16.80 21.34
CA GLY A 184 -12.81 -15.57 21.82
C GLY A 184 -13.77 -14.52 22.37
N THR A 185 -13.26 -13.31 22.53
CA THR A 185 -13.95 -12.23 23.25
C THR A 185 -15.31 -11.80 22.66
N ILE A 186 -16.19 -11.34 23.56
CA ILE A 186 -17.55 -10.85 23.22
C ILE A 186 -17.70 -9.35 23.46
N ILE A 187 -16.61 -8.73 23.87
CA ILE A 187 -16.56 -7.32 24.25
C ILE A 187 -17.02 -6.39 23.10
N TYR A 188 -16.79 -6.84 21.87
CA TYR A 188 -17.07 -6.08 20.65
C TYR A 188 -18.36 -6.48 19.93
N MET A 189 -19.13 -7.39 20.53
CA MET A 189 -20.33 -7.95 19.91
C MET A 189 -21.52 -7.20 20.44
N PRO A 190 -22.42 -6.75 19.55
CA PRO A 190 -23.62 -6.05 20.07
C PRO A 190 -24.57 -6.99 20.84
N PRO A 191 -25.41 -6.42 21.71
CA PRO A 191 -26.25 -7.27 22.57
C PRO A 191 -27.17 -8.21 21.82
N GLU A 192 -27.74 -7.75 20.72
CA GLU A 192 -28.65 -8.58 19.93
C GLU A 192 -28.03 -9.82 19.27
N ASN A 193 -26.71 -9.98 19.24
CA ASN A 193 -26.12 -11.11 18.53
C ASN A 193 -25.80 -12.26 19.47
N TYR A 194 -26.20 -12.13 20.73
CA TYR A 194 -25.94 -13.15 21.75
C TYR A 194 -26.70 -14.48 21.51
N GLU A 195 -27.88 -14.44 20.88
CA GLU A 195 -28.64 -15.68 20.53
C GLU A 195 -28.53 -16.02 19.03
N SER A 203 -27.07 -8.86 10.51
CA SER A 203 -27.43 -7.47 10.79
C SER A 203 -26.30 -6.57 10.31
N ILE A 204 -26.64 -5.58 9.47
CA ILE A 204 -25.62 -4.63 8.97
C ILE A 204 -25.10 -3.66 10.06
N LYS A 205 -25.71 -3.67 11.24
CA LYS A 205 -25.30 -2.79 12.33
C LYS A 205 -24.41 -3.42 13.39
N HIS A 206 -23.74 -4.52 13.05
CA HIS A 206 -22.86 -5.18 13.99
C HIS A 206 -21.51 -4.44 14.05
N ASP A 207 -20.93 -4.20 12.87
CA ASP A 207 -19.56 -3.68 12.76
C ASP A 207 -19.40 -2.34 13.42
N ILE A 208 -20.39 -1.47 13.23
CA ILE A 208 -20.37 -0.14 13.85
C ILE A 208 -20.39 -0.20 15.37
N TYR A 209 -20.99 -1.24 15.94
CA TYR A 209 -20.98 -1.43 17.40
C TYR A 209 -19.57 -1.81 17.80
N SER A 210 -19.00 -2.80 17.14
CA SER A 210 -17.61 -3.17 17.39
C SER A 210 -16.71 -1.94 17.26
N TYR A 211 -16.94 -1.13 16.21
CA TYR A 211 -16.16 0.07 15.95
C TYR A 211 -16.18 1.04 17.11
N ALA A 212 -17.35 1.29 17.65
CA ALA A 212 -17.51 2.18 18.83
C ALA A 212 -16.67 1.71 20.02
N VAL A 213 -16.73 0.42 20.33
CA VAL A 213 -15.97 -0.11 21.45
C VAL A 213 -14.48 0.12 21.18
N ILE A 214 -14.02 -0.22 19.96
CA ILE A 214 -12.65 0.06 19.53
C ILE A 214 -12.27 1.55 19.66
N THR A 215 -13.19 2.43 19.31
CA THR A 215 -12.98 3.84 19.48
C THR A 215 -12.82 4.19 20.95
N TRP A 216 -13.65 3.63 21.82
CA TRP A 216 -13.49 3.80 23.28
C TRP A 216 -12.10 3.31 23.74
N GLU A 217 -11.70 2.12 23.27
CA GLU A 217 -10.45 1.46 23.64
C GLU A 217 -9.21 2.28 23.23
N VAL A 218 -9.23 2.71 21.98
CA VAL A 218 -8.19 3.55 21.43
C VAL A 218 -8.05 4.85 22.23
N LEU A 219 -9.13 5.53 22.57
CA LEU A 219 -9.02 6.80 23.31
C LEU A 219 -8.73 6.67 24.80
N SER A 220 -9.08 5.52 25.38
CA SER A 220 -8.85 5.27 26.79
C SER A 220 -7.52 4.59 27.13
N ARG A 221 -7.02 3.81 26.17
CA ARG A 221 -6.03 2.76 26.43
C ARG A 221 -6.37 1.84 27.62
N LYS A 222 -7.64 1.61 27.85
CA LYS A 222 -8.12 0.72 28.90
C LYS A 222 -8.76 -0.50 28.26
N GLN A 223 -8.72 -1.62 28.98
CA GLN A 223 -9.55 -2.80 28.62
C GLN A 223 -11.02 -2.51 28.97
N PRO A 224 -11.94 -2.78 28.04
CA PRO A 224 -13.36 -2.62 28.32
C PRO A 224 -13.85 -3.54 29.42
N PHE A 225 -14.59 -2.97 30.37
CA PHE A 225 -15.07 -3.71 31.54
C PHE A 225 -13.91 -4.38 32.29
N GLU A 226 -12.84 -3.61 32.50
CA GLU A 226 -11.62 -4.12 33.12
C GLU A 226 -11.91 -4.83 34.44
N ASP A 227 -12.80 -4.23 35.25
CA ASP A 227 -13.11 -4.74 36.58
C ASP A 227 -14.31 -5.73 36.52
N VAL A 228 -14.30 -6.67 35.57
CA VAL A 228 -15.36 -7.70 35.45
C VAL A 228 -14.69 -9.05 35.18
N THR A 229 -14.97 -10.05 36.03
CA THR A 229 -14.27 -11.35 35.98
C THR A 229 -14.77 -12.22 34.82
N ASN A 230 -16.09 -12.30 34.70
CA ASN A 230 -16.77 -13.27 33.87
C ASN A 230 -17.34 -12.62 32.57
N PRO A 231 -17.17 -13.28 31.42
CA PRO A 231 -17.77 -12.71 30.21
C PRO A 231 -19.30 -12.57 30.26
N LEU A 232 -19.98 -13.50 30.92
CA LEU A 232 -21.43 -13.49 30.98
C LEU A 232 -21.93 -12.31 31.80
N GLN A 233 -21.13 -11.90 32.79
CA GLN A 233 -21.43 -10.69 33.55
C GLN A 233 -21.41 -9.45 32.69
N ILE A 234 -20.49 -9.42 31.73
CA ILE A 234 -20.41 -8.35 30.73
C ILE A 234 -21.66 -8.40 29.86
N MET A 235 -21.92 -9.56 29.26
CA MET A 235 -23.09 -9.79 28.43
C MET A 235 -24.40 -9.40 29.11
N TYR A 236 -24.54 -9.70 30.39
CA TYR A 236 -25.74 -9.37 31.16
C TYR A 236 -25.90 -7.85 31.29
N SER A 237 -24.76 -7.21 31.53
CA SER A 237 -24.71 -5.80 31.71
C SER A 237 -24.97 -5.11 30.39
N VAL A 238 -24.34 -5.62 29.33
CA VAL A 238 -24.49 -5.01 28.01
C VAL A 238 -25.91 -5.11 27.50
N SER A 239 -26.57 -6.23 27.76
CA SER A 239 -27.93 -6.43 27.28
C SER A 239 -28.93 -5.61 28.08
N GLN A 240 -28.56 -5.21 29.30
CA GLN A 240 -29.33 -4.24 30.08
C GLN A 240 -29.03 -2.76 29.78
N GLY A 241 -28.16 -2.50 28.82
CA GLY A 241 -27.93 -1.16 28.31
C GLY A 241 -26.63 -0.53 28.73
N HIS A 242 -25.84 -1.23 29.55
CA HIS A 242 -24.62 -0.68 30.11
C HIS A 242 -23.50 -0.86 29.14
N ARG A 243 -22.52 0.03 29.26
CA ARG A 243 -21.46 0.18 28.27
C ARG A 243 -20.16 0.48 29.00
N PRO A 244 -19.01 0.40 28.31
CA PRO A 244 -17.78 0.77 29.02
C PRO A 244 -17.86 2.19 29.57
N VAL A 245 -17.26 2.40 30.73
CA VAL A 245 -17.55 3.61 31.51
C VAL A 245 -16.94 4.83 30.80
N ILE A 246 -17.68 5.92 30.80
CA ILE A 246 -17.23 7.18 30.24
C ILE A 246 -17.25 8.22 31.37
N ASN A 247 -16.09 8.44 31.96
CA ASN A 247 -15.90 9.44 32.98
C ASN A 247 -14.51 10.08 32.77
N GLU A 248 -14.09 10.95 33.68
CA GLU A 248 -12.79 11.62 33.61
C GLU A 248 -11.60 10.66 33.67
N GLU A 249 -11.78 9.50 34.29
CA GLU A 249 -10.71 8.49 34.43
C GLU A 249 -10.50 7.66 33.16
N SER A 250 -11.58 7.22 32.53
CA SER A 250 -11.48 6.40 31.32
C SER A 250 -11.00 7.24 30.15
N LEU A 251 -11.69 8.35 29.94
CA LEU A 251 -11.44 9.27 28.85
C LEU A 251 -11.10 10.65 29.41
N PRO A 252 -9.80 10.93 29.61
CA PRO A 252 -9.40 12.18 30.23
C PRO A 252 -9.88 13.42 29.49
N TYR A 253 -10.00 14.52 30.24
CA TYR A 253 -10.54 15.77 29.72
C TYR A 253 -9.71 16.45 28.64
N ASP A 254 -8.43 16.09 28.54
CA ASP A 254 -7.56 16.61 27.49
C ASP A 254 -7.58 15.83 26.15
N ILE A 255 -8.56 14.95 25.93
CA ILE A 255 -8.67 14.25 24.63
C ILE A 255 -9.10 15.30 23.59
N PRO A 256 -8.42 15.35 22.43
CA PRO A 256 -8.91 16.21 21.37
C PRO A 256 -10.32 15.84 20.93
N HIS A 257 -11.20 16.84 20.84
CA HIS A 257 -12.56 16.63 20.41
C HIS A 257 -13.32 15.60 21.28
N ARG A 258 -13.02 15.59 22.57
CA ARG A 258 -13.61 14.64 23.52
C ARG A 258 -15.13 14.49 23.35
N ALA A 259 -15.83 15.61 23.28
CA ALA A 259 -17.30 15.66 23.25
C ALA A 259 -17.90 15.00 22.00
N ARG A 260 -17.32 15.31 20.84
CA ARG A 260 -17.76 14.72 19.55
C ARG A 260 -17.50 13.23 19.53
N MET A 261 -16.26 12.87 19.90
CA MET A 261 -15.87 11.45 19.99
C MET A 261 -16.76 10.65 20.95
N ILE A 262 -17.15 11.26 22.07
CA ILE A 262 -18.07 10.58 22.99
C ILE A 262 -19.44 10.35 22.38
N SER A 263 -19.96 11.33 21.63
CA SER A 263 -21.22 11.18 20.91
C SER A 263 -21.14 10.07 19.92
N LEU A 264 -20.05 10.06 19.16
CA LEU A 264 -19.86 9.08 18.11
C LEU A 264 -19.80 7.68 18.69
N ILE A 265 -19.17 7.57 19.86
CA ILE A 265 -19.06 6.29 20.57
C ILE A 265 -20.44 5.86 21.06
N GLU A 266 -21.13 6.77 21.73
CA GLU A 266 -22.43 6.48 22.29
C GLU A 266 -23.50 6.14 21.26
N SER A 267 -23.49 6.85 20.14
CA SER A 267 -24.39 6.46 19.03
C SER A 267 -23.96 5.13 18.37
N GLY A 268 -22.66 4.98 18.16
CA GLY A 268 -22.09 3.74 17.63
C GLY A 268 -22.51 2.48 18.36
N TRP A 269 -22.62 2.57 19.68
CA TRP A 269 -22.98 1.38 20.45
C TRP A 269 -24.36 1.42 21.06
N ALA A 270 -25.24 2.25 20.50
CA ALA A 270 -26.62 2.41 21.01
C ALA A 270 -27.32 1.07 21.10
N GLN A 271 -28.17 0.92 22.13
CA GLN A 271 -28.92 -0.33 22.34
C GLN A 271 -29.74 -0.75 21.12
N ASN A 272 -30.41 0.22 20.52
CA ASN A 272 -31.20 0.01 19.33
C ASN A 272 -30.35 0.08 18.06
N PRO A 273 -30.19 -1.03 17.33
CA PRO A 273 -29.34 -1.04 16.13
C PRO A 273 -29.71 -0.01 15.08
N ASP A 274 -30.99 0.25 14.92
CA ASP A 274 -31.49 1.29 14.02
C ASP A 274 -30.93 2.69 14.35
N GLU A 275 -30.60 2.94 15.62
CA GLU A 275 -30.02 4.22 16.06
C GLU A 275 -28.50 4.34 15.92
N ARG A 276 -27.84 3.25 15.57
CA ARG A 276 -26.39 3.28 15.27
C ARG A 276 -26.18 3.81 13.87
N PRO A 277 -25.07 4.53 13.64
CA PRO A 277 -24.85 5.13 12.33
C PRO A 277 -24.26 4.17 11.30
N SER A 278 -24.53 4.44 10.03
CA SER A 278 -23.79 3.81 8.95
C SER A 278 -22.36 4.35 9.01
N PHE A 279 -21.42 3.64 8.42
CA PHE A 279 -20.05 4.12 8.37
C PHE A 279 -19.87 5.33 7.48
N LEU A 280 -20.71 5.49 6.47
CA LEU A 280 -20.72 6.74 5.72
C LEU A 280 -20.96 7.93 6.67
N LYS A 281 -21.95 7.82 7.56
CA LYS A 281 -22.27 8.88 8.53
C LYS A 281 -21.08 9.10 9.49
N CYS A 282 -20.59 8.00 10.01
CA CYS A 282 -19.44 7.99 10.85
C CYS A 282 -18.24 8.75 10.23
N LEU A 283 -17.98 8.50 8.94
CA LEU A 283 -16.86 9.11 8.23
C LEU A 283 -17.09 10.59 8.02
N ILE A 284 -18.34 10.96 7.74
CA ILE A 284 -18.68 12.37 7.67
C ILE A 284 -18.47 13.09 9.00
N GLU A 285 -18.70 12.44 10.13
CA GLU A 285 -18.37 13.01 11.45
C GLU A 285 -16.87 13.10 11.69
N LEU A 286 -16.10 12.10 11.24
CA LEU A 286 -14.64 12.06 11.46
C LEU A 286 -13.82 13.02 10.60
N GLU A 287 -14.19 13.14 9.34
CA GLU A 287 -13.47 14.01 8.40
C GLU A 287 -13.06 15.39 8.94
N PRO A 288 -14.00 16.16 9.47
CA PRO A 288 -13.63 17.45 10.08
C PRO A 288 -12.65 17.36 11.25
N VAL A 289 -12.70 16.27 12.01
CA VAL A 289 -11.75 16.07 13.06
C VAL A 289 -10.37 15.78 12.47
N LEU A 290 -10.31 14.83 11.57
CA LEU A 290 -9.05 14.44 10.99
C LEU A 290 -8.36 15.59 10.28
N ARG A 291 -9.17 16.47 9.65
CA ARG A 291 -8.65 17.69 9.00
C ARG A 291 -7.93 18.67 9.93
N THR A 292 -8.22 18.61 11.25
CA THR A 292 -7.53 19.48 12.22
C THR A 292 -6.10 19.02 12.58
N PHE A 293 -5.69 17.85 12.08
CA PHE A 293 -4.37 17.31 12.29
C PHE A 293 -3.57 17.54 11.04
N GLU A 294 -2.51 18.33 11.17
CA GLU A 294 -1.56 18.56 10.10
C GLU A 294 -0.80 17.29 9.75
N GLU A 295 -0.44 17.16 8.49
CA GLU A 295 0.03 15.88 7.98
C GLU A 295 1.34 15.41 8.66
N ILE A 296 2.24 16.36 8.94
CA ILE A 296 3.51 16.07 9.64
C ILE A 296 3.38 15.54 11.07
N THR A 297 2.28 15.88 11.77
CA THR A 297 2.10 15.42 13.15
C THR A 297 1.88 13.93 13.22
N PHE A 298 1.39 13.33 12.13
CA PHE A 298 1.28 11.87 12.03
C PHE A 298 2.67 11.26 11.94
N LEU A 299 3.55 11.91 11.22
CA LEU A 299 4.91 11.41 11.09
C LEU A 299 5.68 11.54 12.39
N GLU A 300 5.51 12.66 13.07
CA GLU A 300 6.09 12.87 14.40
C GLU A 300 5.55 11.90 15.44
N ALA A 301 4.29 11.52 15.29
CA ALA A 301 3.65 10.54 16.14
C ALA A 301 4.28 9.14 15.97
N VAL A 302 4.47 8.77 14.72
CA VAL A 302 5.06 7.47 14.39
C VAL A 302 6.53 7.37 14.80
N ILE A 303 7.30 8.41 14.54
CA ILE A 303 8.74 8.41 14.88
C ILE A 303 9.01 8.27 16.40
N GLN A 304 8.17 8.86 17.23
CA GLN A 304 8.27 8.77 18.68
C GLN A 304 8.17 7.31 19.15
N LEU A 305 7.63 6.42 18.33
CA LEU A 305 7.35 5.04 18.75
C LEU A 305 8.51 4.10 18.52
N LYS A 306 8.57 3.07 19.38
CA LYS A 306 9.64 2.05 19.40
C LYS A 306 9.90 1.29 18.08
N ALA B 1 -8.56 -21.65 -9.01
CA ALA B 1 -8.74 -20.37 -9.76
C ALA B 1 -9.65 -19.40 -9.01
N ILE B 2 -9.04 -18.57 -8.16
CA ILE B 2 -9.73 -17.55 -7.41
C ILE B 2 -9.59 -16.23 -8.16
N SER B 3 -10.71 -15.66 -8.57
CA SER B 3 -10.71 -14.46 -9.40
C SER B 3 -11.48 -13.31 -8.73
N SER B 4 -11.06 -12.09 -9.05
CA SER B 4 -11.72 -10.86 -8.63
C SER B 4 -11.83 -9.94 -9.82
N ALA B 5 -12.98 -9.28 -9.92
CA ALA B 5 -13.30 -8.35 -10.99
C ALA B 5 -12.90 -6.96 -10.54
N LEU B 6 -12.35 -6.17 -11.46
CA LEU B 6 -11.99 -4.79 -11.17
C LEU B 6 -13.26 -3.96 -11.00
N PRO B 7 -13.44 -3.29 -9.85
CA PRO B 7 -14.64 -2.48 -9.64
C PRO B 7 -14.88 -1.46 -10.74
N THR B 8 -16.14 -1.18 -11.02
CA THR B 8 -16.51 -0.15 -11.96
C THR B 8 -16.98 1.02 -11.14
N ILE B 9 -16.50 2.21 -11.49
CA ILE B 9 -16.75 3.39 -10.70
C ILE B 9 -17.50 4.36 -11.58
N PRO B 10 -18.73 4.67 -11.22
CA PRO B 10 -19.47 5.69 -11.96
C PRO B 10 -18.84 7.07 -11.88
N TYR B 11 -18.73 7.75 -13.01
CA TYR B 11 -18.18 9.11 -13.08
C TYR B 11 -18.68 10.07 -11.99
N HIS B 12 -19.97 9.98 -11.67
CA HIS B 12 -20.60 10.89 -10.71
C HIS B 12 -20.24 10.61 -9.24
N LYS B 13 -19.62 9.46 -8.97
CA LYS B 13 -19.04 9.15 -7.65
C LYS B 13 -17.70 9.83 -7.40
N LEU B 14 -17.13 10.42 -8.44
CA LEU B 14 -15.91 11.23 -8.35
C LEU B 14 -16.23 12.70 -8.18
N ALA B 15 -16.12 13.18 -6.94
CA ALA B 15 -16.34 14.58 -6.60
C ALA B 15 -15.02 15.35 -6.50
N ASP B 16 -15.14 16.68 -6.54
CA ASP B 16 -14.02 17.63 -6.44
CA ASP B 16 -14.01 17.63 -6.46
C ASP B 16 -12.91 17.19 -7.43
N LEU B 17 -13.29 17.04 -8.69
CA LEU B 17 -12.40 16.54 -9.73
C LEU B 17 -11.54 17.70 -10.27
N ARG B 18 -10.27 17.73 -9.89
CA ARG B 18 -9.35 18.83 -10.20
C ARG B 18 -8.18 18.29 -11.01
N TYR B 19 -7.80 19.01 -12.06
CA TYR B 19 -6.69 18.63 -12.97
C TYR B 19 -5.36 18.79 -12.25
N LEU B 20 -4.45 17.83 -12.47
CA LEU B 20 -3.15 17.79 -11.82
C LEU B 20 -1.99 17.92 -12.80
N SER B 21 -2.04 17.21 -13.93
CA SER B 21 -1.00 17.28 -14.94
C SER B 21 -1.43 16.76 -16.30
N ARG B 22 -1.38 17.61 -17.34
CA ARG B 22 -1.54 17.17 -18.75
C ARG B 22 -0.27 16.42 -19.22
N GLY B 23 -0.36 15.64 -20.29
CA GLY B 23 0.85 14.97 -20.84
C GLY B 23 0.67 14.16 -22.12
N ALA B 24 1.64 13.28 -22.38
CA ALA B 24 1.60 12.32 -23.50
C ALA B 24 0.81 11.06 -23.10
N SER B 25 1.09 10.53 -21.90
CA SER B 25 0.33 9.42 -21.30
C SER B 25 -1.18 9.72 -21.19
N GLY B 26 -1.48 10.98 -20.85
CA GLY B 26 -2.86 11.51 -20.79
C GLY B 26 -2.94 12.61 -19.75
N THR B 27 -4.16 12.87 -19.26
CA THR B 27 -4.37 13.80 -18.15
C THR B 27 -4.55 13.02 -16.84
N VAL B 28 -3.93 13.53 -15.78
CA VAL B 28 -4.14 13.03 -14.44
C VAL B 28 -4.93 14.07 -13.67
N SER B 29 -6.03 13.63 -13.04
CA SER B 29 -6.87 14.47 -12.19
C SER B 29 -6.95 13.85 -10.79
N SER B 30 -7.06 14.71 -9.78
CA SER B 30 -7.35 14.26 -8.42
C SER B 30 -8.86 14.28 -8.23
N ALA B 31 -9.34 13.46 -7.33
CA ALA B 31 -10.74 13.51 -6.89
C ALA B 31 -10.91 12.82 -5.55
N ARG B 32 -12.14 12.82 -5.04
CA ARG B 32 -12.53 11.98 -3.93
C ARG B 32 -13.70 11.10 -4.30
N HIS B 33 -13.68 9.84 -3.83
CA HIS B 33 -14.80 8.92 -4.05
C HIS B 33 -15.91 9.28 -3.10
N ALA B 34 -17.08 9.54 -3.64
CA ALA B 34 -18.22 10.02 -2.87
C ALA B 34 -18.70 8.99 -1.88
N ASP B 35 -18.66 7.71 -2.26
CA ASP B 35 -19.02 6.63 -1.31
C ASP B 35 -17.88 6.16 -0.42
N TRP B 36 -16.67 6.02 -0.96
CA TRP B 36 -15.56 5.44 -0.23
C TRP B 36 -14.80 6.46 0.64
N ARG B 37 -15.03 7.77 0.39
CA ARG B 37 -14.53 8.87 1.22
C ARG B 37 -13.00 8.88 1.30
N VAL B 38 -12.36 8.64 0.16
CA VAL B 38 -10.88 8.59 0.03
C VAL B 38 -10.49 9.45 -1.15
N GLN B 39 -9.28 10.01 -1.07
CA GLN B 39 -8.76 10.76 -2.21
C GLN B 39 -8.27 9.74 -3.21
N VAL B 40 -8.55 10.00 -4.49
CA VAL B 40 -8.11 9.12 -5.57
C VAL B 40 -7.51 9.93 -6.68
N ALA B 41 -6.71 9.27 -7.50
CA ALA B 41 -6.18 9.88 -8.69
C ALA B 41 -6.90 9.25 -9.86
N VAL B 42 -7.12 9.99 -10.93
CA VAL B 42 -7.77 9.47 -12.15
C VAL B 42 -6.98 9.87 -13.38
N LYS B 43 -6.60 8.89 -14.18
CA LYS B 43 -5.89 9.11 -15.45
C LYS B 43 -6.89 8.89 -16.58
N HIS B 44 -7.13 9.94 -17.37
CA HIS B 44 -8.16 9.96 -18.40
C HIS B 44 -7.65 10.70 -19.65
N LEU B 45 -8.53 10.97 -20.62
CA LEU B 45 -8.12 11.58 -21.90
C LEU B 45 -8.48 13.08 -21.97
N LEU B 52 -12.61 8.29 -29.10
CA LEU B 52 -12.05 7.43 -30.15
C LEU B 52 -11.90 5.98 -29.66
N ASP B 53 -12.45 5.02 -30.43
CA ASP B 53 -12.50 3.59 -30.03
C ASP B 53 -11.14 2.89 -29.82
N SER B 54 -10.08 3.35 -30.49
CA SER B 54 -8.73 2.76 -30.33
C SER B 54 -8.04 3.24 -29.03
N GLU B 55 -8.33 4.50 -28.65
CA GLU B 55 -7.88 5.06 -27.37
C GLU B 55 -8.65 4.46 -26.18
N ARG B 56 -9.85 3.90 -26.41
CA ARG B 56 -10.56 3.14 -25.37
C ARG B 56 -9.83 1.83 -25.02
N LYS B 57 -9.47 1.06 -26.04
CA LYS B 57 -8.79 -0.24 -25.87
C LYS B 57 -7.44 -0.10 -25.20
N ASP B 58 -6.76 1.03 -25.42
CA ASP B 58 -5.47 1.32 -24.76
C ASP B 58 -5.64 1.51 -23.25
N VAL B 59 -6.63 2.29 -22.87
CA VAL B 59 -6.91 2.56 -21.44
C VAL B 59 -7.34 1.29 -20.71
N LEU B 60 -8.14 0.46 -21.38
CA LEU B 60 -8.57 -0.81 -20.81
C LEU B 60 -7.43 -1.78 -20.65
N ARG B 61 -6.52 -1.77 -21.61
CA ARG B 61 -5.37 -2.67 -21.54
C ARG B 61 -4.50 -2.31 -20.34
N GLU B 62 -4.30 -1.02 -20.10
CA GLU B 62 -3.58 -0.53 -18.92
C GLU B 62 -4.25 -0.91 -17.60
N ALA B 63 -5.55 -0.71 -17.55
CA ALA B 63 -6.33 -1.07 -16.37
C ALA B 63 -6.17 -2.53 -16.02
N GLU B 64 -6.29 -3.38 -17.02
CA GLU B 64 -6.16 -4.83 -16.86
C GLU B 64 -4.81 -5.24 -16.28
N ILE B 65 -3.75 -4.60 -16.77
CA ILE B 65 -2.39 -4.92 -16.36
C ILE B 65 -2.16 -4.45 -14.92
N LEU B 66 -2.61 -3.24 -14.59
CA LEU B 66 -2.57 -2.73 -13.20
C LEU B 66 -3.26 -3.67 -12.25
N HIS B 67 -4.44 -4.12 -12.63
CA HIS B 67 -5.23 -5.02 -11.82
C HIS B 67 -4.54 -6.35 -11.61
N LYS B 68 -3.87 -6.85 -12.66
CA LYS B 68 -3.04 -8.10 -12.58
C LYS B 68 -1.67 -7.93 -11.93
N ALA B 69 -1.03 -6.78 -12.13
CA ALA B 69 0.30 -6.55 -11.60
C ALA B 69 0.28 -5.94 -10.20
N ARG B 70 -0.81 -6.09 -9.46
CA ARG B 70 -0.94 -5.50 -8.13
C ARG B 70 0.14 -6.07 -7.23
N PHE B 71 0.83 -5.19 -6.50
CA PHE B 71 2.01 -5.57 -5.69
C PHE B 71 2.40 -4.34 -4.89
N SER B 72 3.16 -4.52 -3.84
CA SER B 72 3.54 -3.45 -2.93
C SER B 72 4.16 -2.18 -3.54
N TYR B 73 4.89 -2.32 -4.65
CA TYR B 73 5.57 -1.19 -5.31
C TYR B 73 5.04 -0.89 -6.69
N ILE B 74 3.81 -1.32 -6.96
CA ILE B 74 3.06 -0.98 -8.18
C ILE B 74 1.83 -0.14 -7.76
N LEU B 75 1.57 0.96 -8.46
CA LEU B 75 0.42 1.81 -8.17
C LEU B 75 -0.86 0.97 -8.05
N PRO B 76 -1.51 0.99 -6.88
CA PRO B 76 -2.75 0.24 -6.76
C PRO B 76 -3.87 0.90 -7.55
N ILE B 77 -4.46 0.13 -8.47
CA ILE B 77 -5.71 0.50 -9.16
C ILE B 77 -6.94 0.19 -8.28
N LEU B 78 -7.84 1.16 -8.19
CA LEU B 78 -9.00 1.09 -7.34
C LEU B 78 -10.26 0.81 -8.10
N GLY B 79 -10.31 1.27 -9.34
CA GLY B 79 -11.34 0.85 -10.27
C GLY B 79 -11.13 1.39 -11.66
N ILE B 80 -12.15 1.20 -12.49
CA ILE B 80 -12.20 1.85 -13.79
C ILE B 80 -13.51 2.61 -13.90
N CYS B 81 -13.43 3.74 -14.60
CA CYS B 81 -14.56 4.59 -14.87
C CYS B 81 -14.77 4.52 -16.39
N ASN B 82 -15.91 3.95 -16.81
CA ASN B 82 -16.16 3.57 -18.24
C ASN B 82 -17.57 4.01 -18.70
N GLU B 83 -17.70 5.30 -19.01
CA GLU B 83 -18.96 5.93 -19.39
C GLU B 83 -18.90 6.22 -20.88
N PRO B 84 -20.07 6.49 -21.50
CA PRO B 84 -20.11 7.07 -22.83
C PRO B 84 -19.24 8.32 -22.97
N GLU B 85 -19.46 9.29 -22.08
CA GLU B 85 -18.82 10.61 -22.19
C GLU B 85 -17.42 10.69 -21.55
N PHE B 86 -17.11 9.74 -20.67
CA PHE B 86 -15.85 9.77 -19.88
C PHE B 86 -15.21 8.40 -19.62
N LEU B 87 -13.90 8.31 -19.80
CA LEU B 87 -13.16 7.07 -19.60
C LEU B 87 -11.89 7.32 -18.83
N GLY B 88 -11.70 6.57 -17.74
CA GLY B 88 -10.50 6.77 -16.92
C GLY B 88 -10.16 5.69 -15.90
N ILE B 89 -8.89 5.68 -15.50
CA ILE B 89 -8.38 4.70 -14.57
C ILE B 89 -8.20 5.33 -13.20
N VAL B 90 -8.82 4.75 -12.18
CA VAL B 90 -8.86 5.34 -10.87
C VAL B 90 -7.92 4.57 -9.97
N THR B 91 -7.01 5.30 -9.33
CA THR B 91 -5.98 4.69 -8.49
C THR B 91 -5.90 5.42 -7.16
N GLU B 92 -5.05 4.91 -6.29
CA GLU B 92 -4.68 5.63 -5.09
C GLU B 92 -3.96 6.88 -5.52
N TYR B 93 -4.25 7.95 -4.79
CA TYR B 93 -3.61 9.22 -4.95
C TYR B 93 -2.22 9.18 -4.33
N MET B 94 -1.26 9.75 -5.05
CA MET B 94 0.12 9.79 -4.63
C MET B 94 0.44 11.22 -4.25
N PRO B 95 0.42 11.53 -2.93
CA PRO B 95 0.48 12.96 -2.53
C PRO B 95 1.85 13.62 -2.74
N ASN B 96 2.90 12.80 -2.75
CA ASN B 96 4.25 13.30 -2.77
C ASN B 96 4.87 13.26 -4.16
N GLY B 97 4.06 13.24 -5.20
CA GLY B 97 4.60 13.47 -6.53
C GLY B 97 5.46 12.37 -7.14
N SER B 98 6.23 12.75 -8.15
CA SER B 98 7.14 11.80 -8.82
C SER B 98 8.55 11.94 -8.26
N LEU B 99 9.34 10.93 -8.57
CA LEU B 99 10.75 10.94 -8.23
C LEU B 99 11.41 12.11 -8.96
N ASN B 100 10.98 12.37 -10.18
CA ASN B 100 11.49 13.50 -10.90
C ASN B 100 11.42 14.79 -10.09
N GLU B 101 10.26 15.12 -9.52
CA GLU B 101 10.09 16.40 -8.82
C GLU B 101 10.93 16.44 -7.54
N LEU B 102 11.12 15.29 -6.92
CA LEU B 102 11.90 15.20 -5.71
C LEU B 102 13.36 15.50 -5.96
N LEU B 103 13.92 14.86 -6.97
CA LEU B 103 15.30 15.04 -7.34
C LEU B 103 15.62 16.43 -7.89
N HIS B 104 14.70 17.05 -8.62
CA HIS B 104 15.05 18.31 -9.30
C HIS B 104 14.43 19.58 -8.77
N ARG B 105 13.49 19.51 -7.83
CA ARG B 105 13.09 20.71 -7.08
C ARG B 105 13.98 20.92 -5.83
N LYS B 106 15.15 21.50 -6.09
CA LYS B 106 16.17 21.66 -5.06
C LYS B 106 15.91 22.79 -4.08
N THR B 107 15.03 23.73 -4.42
CA THR B 107 14.62 24.73 -3.45
C THR B 107 13.63 24.10 -2.48
N GLU B 108 12.64 23.40 -3.00
CA GLU B 108 11.67 22.68 -2.18
C GLU B 108 12.35 21.59 -1.35
N TYR B 109 13.36 20.95 -1.93
CA TYR B 109 14.03 19.82 -1.31
C TYR B 109 15.55 20.02 -1.37
N PRO B 110 16.08 20.90 -0.53
CA PRO B 110 17.55 21.04 -0.55
C PRO B 110 18.29 19.72 -0.25
N ASP B 111 17.77 18.91 0.67
CA ASP B 111 18.38 17.63 1.07
C ASP B 111 17.45 16.48 0.84
N VAL B 112 18.01 15.41 0.28
CA VAL B 112 17.31 14.15 0.15
C VAL B 112 18.28 13.13 0.69
N ALA B 113 18.04 12.68 1.92
CA ALA B 113 19.00 11.88 2.68
C ALA B 113 19.29 10.58 1.94
N TRP B 114 20.55 10.14 1.99
CA TRP B 114 20.96 8.94 1.27
C TRP B 114 20.09 7.73 1.58
N PRO B 115 19.76 7.46 2.87
CA PRO B 115 18.90 6.31 3.16
C PRO B 115 17.61 6.29 2.31
N LEU B 116 16.92 7.42 2.22
CA LEU B 116 15.72 7.48 1.42
C LEU B 116 15.95 7.23 -0.08
N ARG B 117 17.06 7.74 -0.58
CA ARG B 117 17.41 7.54 -1.99
C ARG B 117 17.62 6.05 -2.28
N PHE B 118 18.29 5.35 -1.38
CA PHE B 118 18.58 3.91 -1.58
C PHE B 118 17.35 3.05 -1.38
N ARG B 119 16.44 3.49 -0.51
CA ARG B 119 15.17 2.80 -0.35
C ARG B 119 14.32 2.93 -1.59
N ILE B 120 14.29 4.13 -2.19
CA ILE B 120 13.60 4.37 -3.47
C ILE B 120 14.16 3.45 -4.56
N LEU B 121 15.49 3.35 -4.61
CA LEU B 121 16.14 2.53 -5.60
C LEU B 121 15.88 1.05 -5.38
N HIS B 122 15.93 0.63 -4.11
CA HIS B 122 15.66 -0.76 -3.74
C HIS B 122 14.25 -1.15 -4.11
N GLU B 123 13.29 -0.27 -3.82
CA GLU B 123 11.88 -0.52 -4.12
C GLU B 123 11.54 -0.54 -5.64
N ILE B 124 11.98 0.47 -6.39
CA ILE B 124 11.86 0.46 -7.85
C ILE B 124 12.31 -0.89 -8.38
N ALA B 125 13.48 -1.33 -7.94
CA ALA B 125 13.99 -2.64 -8.33
C ALA B 125 13.10 -3.82 -7.89
N LEU B 126 12.56 -3.76 -6.68
CA LEU B 126 11.58 -4.76 -6.24
C LEU B 126 10.34 -4.80 -7.11
N GLY B 127 9.88 -3.63 -7.53
CA GLY B 127 8.69 -3.53 -8.36
C GLY B 127 8.91 -4.15 -9.72
N VAL B 128 10.03 -3.83 -10.34
CA VAL B 128 10.33 -4.28 -11.69
C VAL B 128 10.65 -5.78 -11.65
N ASN B 129 11.35 -6.22 -10.60
CA ASN B 129 11.64 -7.66 -10.41
C ASN B 129 10.39 -8.48 -10.29
N TYR B 130 9.41 -7.96 -9.54
CA TYR B 130 8.09 -8.57 -9.48
C TYR B 130 7.44 -8.66 -10.86
N LEU B 131 7.52 -7.58 -11.64
CA LEU B 131 6.95 -7.56 -12.98
C LEU B 131 7.61 -8.57 -13.90
N HIS B 132 8.92 -8.72 -13.79
CA HIS B 132 9.66 -9.68 -14.62
C HIS B 132 9.43 -11.13 -14.18
N ASN B 133 9.02 -11.34 -12.95
CA ASN B 133 8.74 -12.68 -12.42
C ASN B 133 7.27 -13.09 -12.59
N MET B 134 6.47 -12.28 -13.26
CA MET B 134 5.11 -12.68 -13.59
C MET B 134 5.16 -13.73 -14.68
N THR B 135 4.02 -14.39 -14.90
CA THR B 135 3.87 -15.37 -15.98
C THR B 135 2.69 -14.95 -16.87
N PRO B 136 2.93 -14.52 -18.11
CA PRO B 136 4.27 -14.28 -18.66
C PRO B 136 4.94 -13.06 -18.02
N PRO B 137 6.25 -12.87 -18.27
CA PRO B 137 6.92 -11.72 -17.69
C PRO B 137 6.35 -10.42 -18.20
N LEU B 138 6.33 -9.44 -17.32
CA LEU B 138 5.85 -8.14 -17.68
C LEU B 138 7.03 -7.16 -17.77
N LEU B 139 7.17 -6.56 -18.95
CA LEU B 139 8.21 -5.56 -19.24
C LEU B 139 7.55 -4.19 -19.25
N HIS B 140 8.09 -3.26 -18.49
CA HIS B 140 7.45 -1.97 -18.35
C HIS B 140 7.73 -1.07 -19.56
N HIS B 141 8.99 -1.01 -19.97
CA HIS B 141 9.42 -0.31 -21.20
C HIS B 141 9.19 1.22 -21.28
N ASP B 142 8.88 1.86 -20.14
CA ASP B 142 8.84 3.32 -20.03
C ASP B 142 9.12 3.79 -18.59
N LEU B 143 10.09 3.16 -17.95
CA LEU B 143 10.49 3.50 -16.60
C LEU B 143 11.27 4.78 -16.67
N LYS B 144 10.78 5.79 -15.98
CA LYS B 144 11.48 7.06 -15.88
C LYS B 144 11.12 7.65 -14.56
N THR B 145 11.83 8.68 -14.14
CA THR B 145 11.60 9.31 -12.84
C THR B 145 10.18 9.91 -12.76
N GLN B 146 9.60 10.29 -13.89
CA GLN B 146 8.25 10.88 -13.92
C GLN B 146 7.16 9.87 -13.60
N ASN B 147 7.46 8.55 -13.72
CA ASN B 147 6.54 7.46 -13.48
CA ASN B 147 6.47 7.52 -13.38
C ASN B 147 6.94 6.59 -12.26
N ILE B 148 7.84 7.10 -11.44
CA ILE B 148 8.11 6.52 -10.15
C ILE B 148 7.42 7.47 -9.16
N LEU B 149 6.23 7.11 -8.72
CA LEU B 149 5.46 7.98 -7.86
C LEU B 149 5.76 7.64 -6.43
N LEU B 150 5.44 8.58 -5.58
CA LEU B 150 5.85 8.49 -4.20
C LEU B 150 4.63 8.74 -3.34
N ASP B 151 4.37 7.80 -2.42
CA ASP B 151 3.20 7.84 -1.56
C ASP B 151 3.48 8.70 -0.35
N ASN B 152 2.57 8.69 0.63
CA ASN B 152 2.61 9.64 1.72
C ASN B 152 3.88 9.55 2.59
N GLU B 153 4.47 8.36 2.69
CA GLU B 153 5.75 8.17 3.42
C GLU B 153 6.95 7.97 2.47
N PHE B 154 6.80 8.48 1.24
CA PHE B 154 7.80 8.40 0.16
C PHE B 154 8.19 6.99 -0.19
N HIS B 155 7.25 6.06 -0.08
CA HIS B 155 7.48 4.73 -0.66
C HIS B 155 7.13 4.77 -2.15
N VAL B 156 7.70 3.82 -2.86
CA VAL B 156 7.59 3.80 -4.31
C VAL B 156 6.31 3.14 -4.77
N LYS B 157 5.66 3.74 -5.75
CA LYS B 157 4.67 3.08 -6.57
C LYS B 157 5.06 3.36 -8.01
N ILE B 158 5.37 2.30 -8.73
CA ILE B 158 5.68 2.38 -10.14
C ILE B 158 4.36 2.50 -10.84
N ALA B 159 4.31 3.47 -11.76
CA ALA B 159 3.11 3.81 -12.51
C ALA B 159 3.35 3.73 -14.03
N ASP B 160 2.29 4.06 -14.77
CA ASP B 160 2.31 4.35 -16.20
C ASP B 160 2.67 3.12 -17.02
N PHE B 161 1.71 2.22 -17.19
CA PHE B 161 1.89 1.01 -17.98
C PHE B 161 1.35 1.14 -19.41
N GLY B 162 1.50 2.33 -20.00
CA GLY B 162 0.99 2.62 -21.34
C GLY B 162 1.73 1.95 -22.48
N LEU B 163 3.04 1.71 -22.30
CA LEU B 163 3.91 1.07 -23.31
C LEU B 163 4.41 -0.29 -22.81
N CYS B 164 3.63 -0.89 -21.92
CA CYS B 164 3.96 -2.15 -21.27
C CYS B 164 3.86 -3.37 -22.21
N LYS B 165 4.79 -4.32 -22.10
CA LYS B 165 4.82 -5.53 -22.96
C LYS B 165 4.90 -6.84 -22.13
N TRP B 166 4.18 -7.86 -22.57
CA TRP B 166 4.21 -9.20 -21.95
C TRP B 166 5.41 -10.02 -22.45
N GLY B 184 7.24 12.38 -24.90
CA GLY B 184 8.13 12.12 -23.74
C GLY B 184 9.65 12.20 -23.95
N THR B 185 10.41 11.87 -22.90
CA THR B 185 11.87 11.94 -22.91
C THR B 185 12.48 10.60 -23.30
N ILE B 186 13.66 10.63 -23.93
CA ILE B 186 14.30 9.40 -24.46
C ILE B 186 15.53 8.98 -23.65
N ILE B 187 15.84 9.70 -22.59
CA ILE B 187 17.08 9.48 -21.87
C ILE B 187 17.16 8.14 -21.12
N TYR B 188 16.00 7.53 -20.85
CA TYR B 188 15.94 6.25 -20.13
C TYR B 188 15.75 5.06 -21.03
N MET B 189 15.71 5.32 -22.34
CA MET B 189 15.54 4.29 -23.37
C MET B 189 16.90 3.81 -23.85
N PRO B 190 17.10 2.48 -23.95
CA PRO B 190 18.37 1.99 -24.49
C PRO B 190 18.45 2.26 -25.96
N PRO B 191 19.66 2.44 -26.48
CA PRO B 191 19.83 2.86 -27.87
C PRO B 191 19.29 1.89 -28.92
N GLU B 192 19.31 0.59 -28.62
CA GLU B 192 18.76 -0.41 -29.52
C GLU B 192 17.23 -0.39 -29.66
N ASN B 193 16.53 0.36 -28.79
CA ASN B 193 15.09 0.55 -28.93
C ASN B 193 14.69 1.88 -29.63
N TYR B 194 15.67 2.60 -30.17
CA TYR B 194 15.43 3.86 -30.89
C TYR B 194 14.64 3.65 -32.17
N GLU B 195 15.06 2.67 -32.97
CA GLU B 195 14.30 2.17 -34.12
C GLU B 195 13.93 0.70 -33.83
N PRO B 196 12.73 0.46 -33.26
CA PRO B 196 12.37 -0.89 -32.78
C PRO B 196 11.77 -1.84 -33.85
N GLY B 197 11.20 -2.96 -33.39
CA GLY B 197 10.54 -3.92 -34.28
C GLY B 197 10.20 -5.17 -33.48
N GLN B 198 10.64 -6.32 -33.99
CA GLN B 198 10.45 -7.62 -33.30
C GLN B 198 11.35 -7.79 -32.06
N LYS B 199 12.68 -7.81 -32.27
CA LYS B 199 13.67 -8.06 -31.18
C LYS B 199 13.75 -6.96 -30.12
N SER B 200 13.38 -5.73 -30.52
CA SER B 200 13.52 -4.53 -29.70
C SER B 200 12.42 -4.27 -28.64
N ARG B 201 11.15 -4.35 -29.09
CA ARG B 201 9.98 -4.29 -28.19
C ARG B 201 9.75 -5.57 -27.33
N ALA B 202 10.52 -6.65 -27.61
CA ALA B 202 10.55 -7.89 -26.82
C ALA B 202 11.82 -8.10 -25.96
N SER B 203 12.81 -7.18 -26.05
CA SER B 203 14.07 -7.29 -25.27
C SER B 203 13.77 -7.17 -23.78
N ILE B 204 14.15 -8.20 -23.02
CA ILE B 204 13.97 -8.24 -21.58
C ILE B 204 14.92 -7.25 -20.84
N LYS B 205 16.01 -6.85 -21.49
CA LYS B 205 17.03 -5.96 -20.90
C LYS B 205 16.85 -4.45 -21.18
N HIS B 206 15.61 -4.01 -21.44
CA HIS B 206 15.31 -2.58 -21.62
C HIS B 206 15.18 -1.90 -20.25
N ASP B 207 14.38 -2.51 -19.36
CA ASP B 207 14.06 -1.89 -18.07
C ASP B 207 15.29 -1.58 -17.23
N ILE B 208 16.28 -2.48 -17.32
CA ILE B 208 17.52 -2.39 -16.53
C ILE B 208 18.35 -1.22 -16.98
N TYR B 209 18.27 -0.90 -18.28
CA TYR B 209 18.91 0.28 -18.82
C TYR B 209 18.29 1.55 -18.20
N SER B 210 16.97 1.61 -18.19
CA SER B 210 16.26 2.74 -17.63
C SER B 210 16.63 2.91 -16.18
N TYR B 211 16.63 1.78 -15.46
CA TYR B 211 17.01 1.71 -14.06
C TYR B 211 18.40 2.30 -13.81
N ALA B 212 19.37 1.90 -14.62
CA ALA B 212 20.73 2.44 -14.50
C ALA B 212 20.77 3.96 -14.62
N VAL B 213 20.07 4.51 -15.63
CA VAL B 213 20.02 5.97 -15.79
C VAL B 213 19.32 6.62 -14.58
N ILE B 214 18.23 6.01 -14.12
CA ILE B 214 17.52 6.48 -12.93
C ILE B 214 18.47 6.55 -11.74
N THR B 215 19.25 5.50 -11.55
CA THR B 215 20.19 5.42 -10.44
C THR B 215 21.22 6.56 -10.47
N TRP B 216 21.74 6.84 -11.64
CA TRP B 216 22.67 7.95 -11.80
C TRP B 216 22.01 9.26 -11.41
N GLU B 217 20.81 9.46 -11.93
CA GLU B 217 20.01 10.64 -11.66
C GLU B 217 19.69 10.75 -10.16
N VAL B 218 19.36 9.62 -9.54
CA VAL B 218 19.08 9.57 -8.11
C VAL B 218 20.29 9.97 -7.28
N LEU B 219 21.43 9.35 -7.58
CA LEU B 219 22.63 9.59 -6.80
C LEU B 219 23.29 10.93 -7.16
N SER B 220 23.00 11.45 -8.35
CA SER B 220 23.56 12.74 -8.80
C SER B 220 22.67 13.97 -8.60
N ARG B 221 21.35 13.76 -8.58
CA ARG B 221 20.36 14.85 -8.75
C ARG B 221 20.63 15.75 -9.96
N LYS B 222 21.31 15.19 -10.95
CA LYS B 222 21.60 15.94 -12.16
C LYS B 222 20.70 15.42 -13.21
N GLN B 223 20.28 16.31 -14.11
CA GLN B 223 19.61 15.92 -15.35
C GLN B 223 20.66 15.26 -16.22
N PRO B 224 20.45 13.99 -16.64
CA PRO B 224 21.40 13.36 -17.58
C PRO B 224 21.44 14.12 -18.93
N PHE B 225 22.65 14.30 -19.44
CA PHE B 225 22.92 15.11 -20.62
C PHE B 225 22.36 16.53 -20.48
N GLU B 226 22.70 17.18 -19.36
CA GLU B 226 22.27 18.58 -19.06
C GLU B 226 22.78 19.55 -20.12
N ASP B 227 24.03 19.37 -20.51
CA ASP B 227 24.72 20.28 -21.43
C ASP B 227 24.42 20.08 -22.92
N VAL B 228 23.56 19.12 -23.25
CA VAL B 228 23.25 18.81 -24.65
C VAL B 228 21.99 19.54 -25.08
N THR B 229 22.10 20.29 -26.19
CA THR B 229 21.06 21.23 -26.62
C THR B 229 19.79 20.48 -27.04
N ASN B 230 19.85 19.66 -28.09
CA ASN B 230 18.68 18.88 -28.52
C ASN B 230 18.87 17.38 -28.30
N PRO B 231 17.76 16.65 -28.05
CA PRO B 231 17.83 15.22 -27.74
C PRO B 231 18.28 14.34 -28.90
N LEU B 232 18.22 14.81 -30.13
CA LEU B 232 18.84 14.07 -31.22
C LEU B 232 20.35 13.89 -31.01
N GLN B 233 21.04 14.91 -30.47
CA GLN B 233 22.47 14.75 -30.15
C GLN B 233 22.63 13.68 -29.07
N ILE B 234 21.68 13.66 -28.14
CA ILE B 234 21.69 12.66 -27.09
C ILE B 234 21.58 11.29 -27.72
N MET B 235 20.64 11.11 -28.62
CA MET B 235 20.41 9.82 -29.25
C MET B 235 21.63 9.38 -30.07
N TYR B 236 22.11 10.27 -30.93
CA TYR B 236 23.32 10.00 -31.69
C TYR B 236 24.50 9.64 -30.76
N SER B 237 24.64 10.37 -29.66
CA SER B 237 25.72 10.10 -28.69
C SER B 237 25.60 8.76 -27.97
N VAL B 238 24.39 8.51 -27.45
CA VAL B 238 24.10 7.29 -26.71
C VAL B 238 24.24 6.08 -27.66
N SER B 239 23.81 6.25 -28.91
CA SER B 239 23.94 5.16 -29.89
C SER B 239 25.39 4.76 -30.13
N GLN B 240 26.33 5.68 -29.92
CA GLN B 240 27.77 5.41 -30.06
C GLN B 240 28.48 5.25 -28.71
N GLY B 241 27.73 4.96 -27.66
CA GLY B 241 28.29 4.53 -26.38
C GLY B 241 28.37 5.58 -25.29
N HIS B 242 27.92 6.79 -25.56
CA HIS B 242 28.06 7.87 -24.58
C HIS B 242 27.00 7.66 -23.51
N ARG B 243 27.42 7.82 -22.25
CA ARG B 243 26.54 7.76 -21.09
C ARG B 243 26.77 9.00 -20.26
N PRO B 244 25.90 9.24 -19.26
CA PRO B 244 26.18 10.33 -18.33
C PRO B 244 27.54 10.18 -17.65
N VAL B 245 28.25 11.29 -17.45
CA VAL B 245 29.62 11.25 -16.91
C VAL B 245 29.63 10.88 -15.42
N ILE B 246 30.47 9.91 -15.09
CA ILE B 246 30.73 9.46 -13.73
C ILE B 246 32.10 10.01 -13.34
N ASN B 247 32.11 11.17 -12.69
CA ASN B 247 33.32 11.72 -12.04
C ASN B 247 32.95 12.13 -10.60
N GLU B 248 33.80 12.89 -9.91
CA GLU B 248 33.42 13.42 -8.59
C GLU B 248 32.21 14.38 -8.64
N GLU B 249 32.16 15.25 -9.65
CA GLU B 249 31.17 16.32 -9.72
C GLU B 249 29.71 15.79 -9.80
N SER B 250 29.55 14.66 -10.48
CA SER B 250 28.26 14.06 -10.69
C SER B 250 27.92 13.11 -9.53
N LEU B 251 28.88 12.32 -9.07
CA LEU B 251 28.64 11.35 -8.01
C LEU B 251 29.64 11.53 -6.87
N PRO B 252 29.31 12.38 -5.88
CA PRO B 252 30.31 12.75 -4.87
C PRO B 252 30.94 11.55 -4.17
N TYR B 253 32.18 11.72 -3.69
CA TYR B 253 32.90 10.63 -3.02
C TYR B 253 32.20 10.17 -1.73
N ASP B 254 31.48 11.07 -1.09
CA ASP B 254 30.69 10.72 0.10
C ASP B 254 29.43 9.83 -0.12
N ILE B 255 29.19 9.31 -1.34
CA ILE B 255 28.03 8.43 -1.60
C ILE B 255 28.26 7.08 -0.94
N PRO B 256 27.31 6.62 -0.13
CA PRO B 256 27.42 5.26 0.39
C PRO B 256 27.60 4.19 -0.69
N HIS B 257 28.63 3.37 -0.58
CA HIS B 257 28.88 2.24 -1.49
C HIS B 257 29.09 2.66 -2.95
N ARG B 258 29.67 3.84 -3.12
CA ARG B 258 29.83 4.44 -4.40
C ARG B 258 30.38 3.46 -5.42
N ALA B 259 31.41 2.71 -5.06
CA ALA B 259 32.05 1.80 -6.03
C ALA B 259 31.14 0.64 -6.49
N ARG B 260 30.36 0.10 -5.55
CA ARG B 260 29.35 -0.91 -5.86
C ARG B 260 28.24 -0.36 -6.76
N MET B 261 27.81 0.87 -6.47
CA MET B 261 26.74 1.53 -7.20
C MET B 261 27.17 1.88 -8.61
N ILE B 262 28.35 2.50 -8.72
CA ILE B 262 28.94 2.81 -10.01
C ILE B 262 29.11 1.55 -10.89
N SER B 263 29.48 0.46 -10.24
CA SER B 263 29.59 -0.82 -10.92
C SER B 263 28.25 -1.25 -11.51
N LEU B 264 27.22 -1.16 -10.69
CA LEU B 264 25.85 -1.51 -11.09
C LEU B 264 25.29 -0.63 -12.25
N ILE B 265 25.45 0.69 -12.10
CA ILE B 265 25.04 1.64 -13.11
C ILE B 265 25.69 1.31 -14.43
N GLU B 266 27.01 1.13 -14.38
CA GLU B 266 27.81 0.84 -15.59
C GLU B 266 27.41 -0.48 -16.25
N SER B 267 27.13 -1.52 -15.49
CA SER B 267 26.69 -2.77 -16.12
C SER B 267 25.25 -2.61 -16.63
N GLY B 268 24.43 -1.89 -15.86
CA GLY B 268 23.05 -1.66 -16.22
C GLY B 268 22.87 -0.97 -17.57
N TRP B 269 23.64 0.08 -17.80
CA TRP B 269 23.53 0.82 -19.05
C TRP B 269 24.51 0.38 -20.15
N ALA B 270 25.06 -0.82 -20.02
CA ALA B 270 26.01 -1.33 -21.02
C ALA B 270 25.41 -1.26 -22.40
N GLN B 271 26.27 -1.03 -23.40
CA GLN B 271 25.86 -0.92 -24.82
C GLN B 271 25.29 -2.24 -25.35
N ASN B 272 25.86 -3.36 -24.86
CA ASN B 272 25.39 -4.70 -25.20
C ASN B 272 24.37 -5.13 -24.15
N PRO B 273 23.12 -5.38 -24.56
CA PRO B 273 22.10 -5.94 -23.66
C PRO B 273 22.56 -7.17 -22.90
N ASP B 274 23.20 -8.11 -23.58
CA ASP B 274 23.63 -9.38 -22.96
C ASP B 274 24.50 -9.17 -21.71
N GLU B 275 25.28 -8.09 -21.69
CA GLU B 275 26.09 -7.73 -20.52
C GLU B 275 25.36 -7.05 -19.35
N ARG B 276 24.10 -6.72 -19.54
CA ARG B 276 23.31 -6.07 -18.50
C ARG B 276 22.74 -7.13 -17.55
N PRO B 277 22.63 -6.78 -16.26
CA PRO B 277 22.16 -7.75 -15.30
C PRO B 277 20.66 -7.81 -15.22
N SER B 278 20.18 -8.87 -14.56
CA SER B 278 18.78 -8.97 -14.19
C SER B 278 18.55 -8.09 -12.97
N PHE B 279 17.28 -7.80 -12.69
CA PHE B 279 16.93 -7.12 -11.46
C PHE B 279 17.15 -8.01 -10.25
N LEU B 280 17.05 -9.33 -10.40
CA LEU B 280 17.36 -10.23 -9.29
C LEU B 280 18.80 -9.97 -8.78
N LYS B 281 19.74 -9.84 -9.71
CA LYS B 281 21.12 -9.50 -9.37
C LYS B 281 21.22 -8.11 -8.71
N CYS B 282 20.50 -7.12 -9.23
CA CYS B 282 20.47 -5.78 -8.62
C CYS B 282 20.07 -5.80 -7.17
N LEU B 283 19.03 -6.57 -6.86
CA LEU B 283 18.52 -6.66 -5.50
C LEU B 283 19.53 -7.28 -4.57
N ILE B 284 20.17 -8.34 -5.07
CA ILE B 284 21.27 -9.04 -4.41
C ILE B 284 22.39 -8.08 -3.99
N GLU B 285 22.79 -7.19 -4.90
CA GLU B 285 23.77 -6.13 -4.60
C GLU B 285 23.25 -5.06 -3.63
N LEU B 286 21.94 -4.78 -3.65
CA LEU B 286 21.36 -3.68 -2.87
C LEU B 286 20.96 -4.04 -1.45
N GLU B 287 20.50 -5.27 -1.24
CA GLU B 287 20.12 -5.72 0.12
C GLU B 287 21.20 -5.43 1.19
N PRO B 288 22.49 -5.77 0.90
CA PRO B 288 23.55 -5.42 1.85
C PRO B 288 23.62 -3.93 2.13
N VAL B 289 23.53 -3.10 1.09
CA VAL B 289 23.59 -1.63 1.20
C VAL B 289 22.45 -1.09 2.07
N LEU B 290 21.26 -1.62 1.83
CA LEU B 290 20.09 -1.19 2.56
C LEU B 290 20.19 -1.53 4.01
N ARG B 291 20.80 -2.67 4.31
CA ARG B 291 20.98 -3.11 5.68
C ARG B 291 21.86 -2.15 6.49
N THR B 292 22.78 -1.45 5.83
CA THR B 292 23.71 -0.54 6.52
C THR B 292 23.07 0.73 7.07
N PHE B 293 21.78 0.96 6.82
CA PHE B 293 21.05 2.14 7.33
C PHE B 293 20.16 1.72 8.45
N GLU B 294 20.11 2.55 9.50
CA GLU B 294 19.17 2.31 10.60
C GLU B 294 17.76 2.74 10.23
N GLU B 295 16.76 1.97 10.67
CA GLU B 295 15.37 2.20 10.29
C GLU B 295 14.97 3.67 10.50
N ILE B 296 15.42 4.25 11.61
CA ILE B 296 15.05 5.64 11.98
C ILE B 296 15.44 6.69 10.94
N THR B 297 16.55 6.47 10.23
CA THR B 297 17.06 7.44 9.26
C THR B 297 16.11 7.62 8.10
N PHE B 298 15.30 6.60 7.83
CA PHE B 298 14.29 6.69 6.80
C PHE B 298 13.16 7.61 7.27
N LEU B 299 12.71 7.39 8.49
CA LEU B 299 11.67 8.27 9.06
C LEU B 299 12.13 9.74 9.17
N GLU B 300 13.39 9.96 9.56
CA GLU B 300 13.97 11.30 9.61
C GLU B 300 14.01 11.90 8.22
N ALA B 301 14.45 11.10 7.27
CA ALA B 301 14.50 11.55 5.89
C ALA B 301 13.17 12.09 5.41
N VAL B 302 12.07 11.41 5.75
CA VAL B 302 10.76 11.84 5.26
C VAL B 302 10.30 13.12 5.95
N ILE B 303 10.51 13.20 7.26
CA ILE B 303 10.13 14.39 8.03
C ILE B 303 10.86 15.62 7.48
N GLN B 304 12.12 15.42 7.07
CA GLN B 304 12.92 16.48 6.48
C GLN B 304 12.25 16.98 5.21
N LEU B 305 11.65 16.08 4.44
CA LEU B 305 11.11 16.47 3.17
C LEU B 305 9.83 17.25 3.25
N LYS B 306 9.11 17.24 4.36
CA LYS B 306 7.88 18.08 4.43
C LYS B 306 8.16 19.58 4.26
C10 Q9J C . 1.50 -11.77 14.29
C13 Q9J C . -0.93 -11.26 13.72
C17 Q9J C . -2.07 -12.14 9.15
C20 Q9J C . -3.58 -13.22 7.10
C22 Q9J C . -5.99 -13.13 6.97
C24 Q9J C . -4.22 -12.57 8.16
N01 Q9J C . 0.05 -10.05 7.87
C02 Q9J C . 0.63 -10.15 9.06
O03 Q9J C . 1.79 -9.76 9.23
C04 Q9J C . -0.11 -10.70 10.21
C05 Q9J C . 0.18 -10.46 11.54
N06 Q9J C . 1.22 -9.69 12.00
C07 Q9J C . 1.73 -9.54 13.37
C08 Q9J C . 0.67 -9.49 14.47
C09 Q9J C . 0.24 -10.95 14.63
C11 Q9J C . 2.54 -10.75 13.83
O12 Q9J C . 3.38 -10.39 14.93
N14 Q9J C . -0.73 -11.12 12.28
N15 Q9J C . -1.63 -11.80 11.49
C16 Q9J C . -1.26 -11.55 10.24
C18 Q9J C . -1.45 -12.80 8.08
C19 Q9J C . -2.19 -13.34 7.05
S21 Q9J C . -4.75 -13.80 5.96
N23 Q9J C . -5.61 -12.53 8.05
C25 Q9J C . -3.45 -12.02 9.20
CA CA D . 11.53 22.05 2.26
C10 Q9J E . 0.45 14.38 -10.64
C13 Q9J E . 1.42 12.33 -11.83
C17 Q9J E . -1.28 8.40 -11.99
C20 Q9J E . -2.52 6.26 -13.24
C22 Q9J E . -1.39 4.60 -14.59
C24 Q9J E . -1.13 6.44 -13.39
N01 Q9J E . -1.55 8.05 -8.81
C02 Q9J E . -1.28 9.35 -8.80
O03 Q9J E . -1.49 10.05 -7.79
C04 Q9J E . -0.63 9.95 -9.97
C05 Q9J E . 0.16 11.10 -9.95
N06 Q9J E . 0.42 11.85 -8.83
C07 Q9J E . 1.18 13.10 -8.72
C08 Q9J E . 2.36 13.21 -9.69
C09 Q9J E . 1.71 13.59 -11.03
C11 Q9J E . 0.39 14.34 -9.12
O12 Q9J E . 0.99 15.52 -8.61
N14 Q9J E . 0.59 11.31 -11.21
N15 Q9J E . 0.11 10.35 -12.07
C16 Q9J E . -0.62 9.53 -11.33
C18 Q9J E . -2.65 8.22 -11.87
C19 Q9J E . -3.28 7.14 -12.48
S21 Q9J E . -3.04 4.85 -14.10
N23 Q9J E . -0.53 5.46 -14.18
C25 Q9J E . -0.51 7.51 -12.76
#